data_4EP1
#
_entry.id   4EP1
#
_cell.length_a   182.438
_cell.length_b   182.438
_cell.length_c   182.438
_cell.angle_alpha   90.000
_cell.angle_beta   90.000
_cell.angle_gamma   90.000
#
_symmetry.space_group_name_H-M   'P 41 3 2'
#
_entity_poly.entity_id   1
_entity_poly.type   'polypeptide(L)'
_entity_poly.pdbx_seq_one_letter_code
;MHHHHHHSSGVDLGTENLYFQSNAMSTVQVPKLNTKDLLTLEELTQEEIISLIEFAIYLKKNKQEPLLQGKILGLIFDKH
STRTRVSFEAGMVQLGGHGMFLNGKEMQMGRGETVSDTAKVLSHYIDGIMIRTFSHADVEELAKESSIPVINGLTDDHHP
CQALADLMTIYEETNTFKGIKLAYVGDGNNVCHSLLLASAKVGMHMTVATPVGYRPNEEIVKKALAIAKETGAEIEILHN
PELAVNEADFIYTDVWMSMGQEGEEEKYTLFQPYQINKELVKHAKQTYHFLHCLPAHREEEVTGEIIDGPQSIVFEQAGN
RLHAQKALLVSLFKNVEELS
;
_entity_poly.pdbx_strand_id   A,B
#
# COMPACT_ATOMS: atom_id res chain seq x y z
N VAL A 28 -44.75 -6.51 10.70
CA VAL A 28 -43.30 -6.21 10.45
C VAL A 28 -42.87 -6.81 9.11
N GLN A 29 -42.12 -6.03 8.30
CA GLN A 29 -41.65 -6.49 6.97
C GLN A 29 -40.21 -7.04 6.96
N VAL A 30 -40.04 -8.29 7.43
CA VAL A 30 -38.70 -8.86 7.76
C VAL A 30 -37.93 -9.24 6.52
N PRO A 31 -36.63 -8.97 6.49
CA PRO A 31 -35.84 -9.27 5.29
C PRO A 31 -35.44 -10.72 5.14
N LYS A 32 -35.57 -11.26 3.92
CA LYS A 32 -35.14 -12.63 3.59
C LYS A 32 -33.68 -12.56 3.16
N LEU A 33 -32.83 -13.21 3.95
CA LEU A 33 -31.43 -13.33 3.61
C LEU A 33 -31.19 -14.71 3.08
N ASN A 34 -30.40 -14.77 2.02
CA ASN A 34 -30.13 -16.03 1.39
C ASN A 34 -28.84 -16.62 1.92
N THR A 35 -28.73 -16.69 3.23
CA THR A 35 -27.53 -17.17 3.91
C THR A 35 -27.89 -17.53 5.34
N LYS A 36 -27.24 -18.56 5.84
CA LYS A 36 -27.49 -19.02 7.18
C LYS A 36 -26.64 -18.22 8.16
N ASP A 37 -25.42 -17.87 7.73
CA ASP A 37 -24.40 -17.33 8.62
C ASP A 37 -24.00 -15.93 8.21
N LEU A 38 -23.25 -15.26 9.06
CA LEU A 38 -22.67 -13.98 8.73
C LEU A 38 -21.31 -13.81 9.39
N LEU A 39 -20.28 -13.86 8.56
CA LEU A 39 -18.95 -14.11 9.02
C LEU A 39 -17.97 -13.03 8.65
N THR A 40 -17.77 -12.83 7.35
CA THR A 40 -17.14 -11.62 6.77
C THR A 40 -18.34 -10.89 6.34
N LEU A 41 -18.28 -9.75 5.75
CA LEU A 41 -19.63 -9.32 5.34
C LEU A 41 -20.12 -9.92 4.01
N GLU A 42 -19.30 -10.72 3.37
CA GLU A 42 -19.40 -10.92 1.94
C GLU A 42 -20.44 -11.89 1.49
N GLU A 43 -21.15 -12.48 2.42
CA GLU A 43 -22.20 -13.43 2.06
C GLU A 43 -23.52 -12.70 1.94
N LEU A 44 -23.49 -11.38 1.81
CA LEU A 44 -24.73 -10.66 1.60
C LEU A 44 -24.70 -9.98 0.29
N THR A 45 -25.83 -9.96 -0.40
CA THR A 45 -25.99 -9.15 -1.58
C THR A 45 -26.12 -7.69 -1.14
N GLN A 46 -26.06 -6.77 -2.08
CA GLN A 46 -26.14 -5.35 -1.73
C GLN A 46 -27.53 -5.02 -1.27
N GLU A 47 -28.51 -5.54 -1.99
CA GLU A 47 -29.90 -5.33 -1.62
C GLU A 47 -30.10 -5.84 -0.20
N GLU A 48 -29.52 -7.01 0.09
CA GLU A 48 -29.70 -7.63 1.39
C GLU A 48 -29.26 -6.62 2.45
N ILE A 49 -28.09 -6.02 2.26
CA ILE A 49 -27.56 -5.05 3.22
C ILE A 49 -28.42 -3.82 3.45
N ILE A 50 -29.03 -3.31 2.40
CA ILE A 50 -29.90 -2.18 2.60
C ILE A 50 -31.09 -2.64 3.40
N SER A 51 -31.78 -3.65 2.89
CA SER A 51 -32.94 -4.19 3.57
C SER A 51 -32.65 -4.29 5.05
N LEU A 52 -31.49 -4.86 5.40
CA LEU A 52 -31.10 -4.92 6.80
C LEU A 52 -31.07 -3.55 7.44
N ILE A 53 -30.30 -2.65 6.87
CA ILE A 53 -30.24 -1.30 7.39
C ILE A 53 -31.61 -0.67 7.55
N GLU A 54 -32.40 -0.75 6.51
CA GLU A 54 -33.69 -0.10 6.54
C GLU A 54 -34.55 -0.68 7.64
N PHE A 55 -34.38 -1.98 7.89
CA PHE A 55 -35.10 -2.67 8.92
C PHE A 55 -34.60 -2.24 10.31
N ALA A 56 -33.28 -2.24 10.49
CA ALA A 56 -32.72 -1.74 11.74
C ALA A 56 -33.36 -0.41 12.10
N ILE A 57 -33.39 0.50 11.14
CA ILE A 57 -33.99 1.79 11.42
C ILE A 57 -35.45 1.73 11.83
N TYR A 58 -36.21 0.91 11.14
CA TYR A 58 -37.60 0.77 11.50
C TYR A 58 -37.73 0.24 12.92
N LEU A 59 -36.84 -0.67 13.31
CA LEU A 59 -36.92 -1.27 14.62
C LEU A 59 -36.57 -0.26 15.69
N LYS A 60 -35.45 0.41 15.50
CA LYS A 60 -35.09 1.56 16.32
C LYS A 60 -36.28 2.49 16.57
N LYS A 61 -37.12 2.74 15.57
CA LYS A 61 -38.26 3.66 15.74
C LYS A 61 -39.38 2.99 16.45
N ASN A 62 -39.46 1.68 16.38
CA ASN A 62 -40.71 1.06 16.77
C ASN A 62 -40.61 0.21 17.98
N LYS A 63 -41.67 0.35 18.78
CA LYS A 63 -41.70 -0.19 20.14
C LYS A 63 -41.51 -1.70 20.12
N GLN A 64 -40.67 -2.15 21.04
CA GLN A 64 -40.01 -3.42 20.93
C GLN A 64 -40.99 -4.52 20.74
N GLU A 65 -40.88 -5.12 19.56
CA GLU A 65 -41.69 -6.24 19.19
C GLU A 65 -41.03 -7.48 19.75
N PRO A 66 -41.84 -8.43 20.17
CA PRO A 66 -41.36 -9.70 20.66
C PRO A 66 -41.15 -10.66 19.50
N LEU A 67 -40.43 -10.23 18.48
CA LEU A 67 -40.32 -10.98 17.26
C LEU A 67 -39.54 -12.28 17.40
N LEU A 68 -38.71 -12.40 18.46
CA LEU A 68 -38.00 -13.65 18.74
C LEU A 68 -38.43 -14.23 20.07
N GLN A 69 -39.73 -14.40 20.24
CA GLN A 69 -40.25 -15.00 21.46
C GLN A 69 -39.57 -16.31 21.71
N GLY A 70 -38.98 -16.45 22.89
CA GLY A 70 -38.39 -17.72 23.32
C GLY A 70 -37.23 -18.27 22.50
N LYS A 71 -36.71 -17.50 21.57
CA LYS A 71 -35.55 -17.95 20.86
C LYS A 71 -34.33 -17.64 21.73
N ILE A 72 -33.25 -18.38 21.50
CA ILE A 72 -32.06 -18.29 22.32
C ILE A 72 -30.82 -18.14 21.48
N LEU A 73 -29.99 -17.18 21.87
CA LEU A 73 -28.72 -16.96 21.19
C LEU A 73 -27.59 -17.33 22.10
N GLY A 74 -26.77 -18.26 21.65
CA GLY A 74 -25.59 -18.62 22.41
C GLY A 74 -24.55 -17.58 22.18
N LEU A 75 -23.79 -17.24 23.22
CA LEU A 75 -22.77 -16.23 23.12
C LEU A 75 -21.46 -16.83 23.53
N ILE A 76 -20.53 -16.95 22.60
CA ILE A 76 -19.29 -17.63 22.89
C ILE A 76 -18.13 -16.68 22.90
N PHE A 77 -17.32 -16.73 23.96
CA PHE A 77 -16.15 -15.84 24.10
C PHE A 77 -14.76 -16.42 24.31
N ASP A 78 -13.84 -15.75 23.64
CA ASP A 78 -12.45 -16.10 23.59
C ASP A 78 -11.84 -15.34 24.75
N LYS A 79 -11.74 -14.02 24.60
CA LYS A 79 -11.60 -13.14 25.75
C LYS A 79 -12.96 -12.44 25.85
N HIS A 80 -13.46 -12.35 27.06
CA HIS A 80 -14.70 -11.62 27.31
C HIS A 80 -14.64 -10.22 26.79
N SER A 81 -15.61 -9.85 25.94
CA SER A 81 -15.80 -8.46 25.51
C SER A 81 -17.14 -7.82 25.77
N THR A 82 -17.16 -6.89 26.70
CA THR A 82 -18.39 -6.26 27.11
C THR A 82 -19.23 -5.72 25.97
N ARG A 83 -18.70 -4.76 25.22
CA ARG A 83 -19.54 -4.00 24.30
C ARG A 83 -20.36 -4.95 23.45
N THR A 84 -19.70 -5.99 22.97
CA THR A 84 -20.33 -6.94 22.06
C THR A 84 -21.35 -7.80 22.79
N ARG A 85 -20.91 -8.42 23.86
CA ARG A 85 -21.77 -9.22 24.66
C ARG A 85 -23.06 -8.52 25.10
N VAL A 86 -22.94 -7.31 25.55
CA VAL A 86 -24.09 -6.65 26.10
C VAL A 86 -25.05 -6.27 24.98
N SER A 87 -24.50 -5.77 23.90
CA SER A 87 -25.33 -5.28 22.80
C SER A 87 -26.12 -6.46 22.21
N PHE A 88 -25.50 -7.62 22.22
CA PHE A 88 -26.18 -8.77 21.72
C PHE A 88 -27.22 -9.28 22.69
N GLU A 89 -26.79 -9.53 23.90
CA GLU A 89 -27.72 -10.03 24.89
C GLU A 89 -28.94 -9.09 24.97
N ALA A 90 -28.66 -7.81 25.08
CA ALA A 90 -29.72 -6.82 25.14
C ALA A 90 -30.72 -7.01 24.04
N GLY A 91 -30.20 -7.06 22.83
CA GLY A 91 -31.05 -7.17 21.67
C GLY A 91 -31.99 -8.33 21.79
N MET A 92 -31.44 -9.52 22.06
CA MET A 92 -32.29 -10.69 22.17
C MET A 92 -33.35 -10.44 23.21
N VAL A 93 -32.93 -9.92 24.35
CA VAL A 93 -33.88 -9.74 25.44
C VAL A 93 -34.97 -8.83 24.98
N GLN A 94 -34.62 -7.79 24.27
CA GLN A 94 -35.63 -6.84 23.83
C GLN A 94 -36.50 -7.44 22.75
N LEU A 95 -36.01 -8.46 22.06
CA LEU A 95 -36.80 -9.13 21.06
C LEU A 95 -37.59 -10.30 21.61
N GLY A 96 -37.58 -10.44 22.94
CA GLY A 96 -38.32 -11.50 23.61
C GLY A 96 -37.55 -12.79 23.69
N GLY A 97 -36.25 -12.72 23.46
CA GLY A 97 -35.42 -13.91 23.42
C GLY A 97 -34.64 -14.06 24.69
N HIS A 98 -33.46 -14.64 24.55
CA HIS A 98 -32.56 -14.82 25.67
C HIS A 98 -31.22 -15.03 25.09
N GLY A 99 -30.22 -14.50 25.79
CA GLY A 99 -28.83 -14.67 25.41
C GLY A 99 -28.23 -15.61 26.41
N MET A 100 -27.38 -16.50 25.95
CA MET A 100 -26.81 -17.51 26.81
C MET A 100 -25.32 -17.32 26.81
N PHE A 101 -24.80 -16.85 27.93
CA PHE A 101 -23.39 -16.61 27.98
C PHE A 101 -22.63 -17.90 28.15
N LEU A 102 -21.81 -18.22 27.18
CA LEU A 102 -20.93 -19.34 27.32
C LEU A 102 -19.49 -18.83 27.39
N ASN A 103 -18.61 -19.68 27.84
CA ASN A 103 -17.22 -19.35 27.84
C ASN A 103 -16.30 -20.13 26.82
N GLY A 104 -15.11 -19.58 26.56
CA GLY A 104 -14.07 -20.25 25.76
C GLY A 104 -13.09 -21.08 26.58
N LYS A 105 -13.45 -21.34 27.83
CA LYS A 105 -12.97 -22.51 28.57
C LYS A 105 -13.72 -23.78 28.05
N GLU A 106 -13.44 -24.11 26.78
CA GLU A 106 -14.23 -25.06 25.98
C GLU A 106 -15.76 -24.96 26.25
N GLU A 113 -13.33 -31.33 24.40
CA GLU A 113 -14.01 -31.63 23.13
C GLU A 113 -13.95 -30.45 22.13
N THR A 114 -13.68 -30.75 20.84
CA THR A 114 -13.42 -29.74 19.80
C THR A 114 -14.59 -28.78 19.57
N VAL A 115 -14.29 -27.74 18.81
CA VAL A 115 -15.30 -26.77 18.39
C VAL A 115 -16.16 -27.33 17.28
N SER A 116 -16.02 -28.62 17.02
CA SER A 116 -16.97 -29.28 16.18
C SER A 116 -18.07 -29.81 17.06
N ASP A 117 -17.67 -30.71 17.98
CA ASP A 117 -18.59 -31.32 18.94
C ASP A 117 -19.55 -30.28 19.53
N THR A 118 -19.00 -29.12 19.90
CA THR A 118 -19.81 -28.10 20.58
C THR A 118 -20.82 -27.45 19.61
N ALA A 119 -20.46 -27.30 18.36
CA ALA A 119 -21.44 -26.84 17.39
C ALA A 119 -22.62 -27.77 17.27
N LYS A 120 -22.31 -29.04 17.13
CA LYS A 120 -23.35 -30.06 16.96
C LYS A 120 -24.39 -29.92 18.05
N VAL A 121 -23.91 -29.64 19.26
CA VAL A 121 -24.72 -29.72 20.47
C VAL A 121 -25.60 -28.53 20.53
N LEU A 122 -24.98 -27.38 20.44
CA LEU A 122 -25.76 -26.18 20.47
C LEU A 122 -27.00 -26.31 19.58
N SER A 123 -26.84 -26.84 18.38
CA SER A 123 -27.91 -26.89 17.40
C SER A 123 -29.19 -27.59 17.86
N HIS A 124 -29.01 -28.67 18.60
CA HIS A 124 -30.13 -29.37 19.20
C HIS A 124 -30.96 -28.51 20.11
N TYR A 125 -30.32 -27.79 20.99
CA TYR A 125 -31.02 -27.14 22.05
C TYR A 125 -31.30 -25.65 21.81
N ILE A 126 -30.78 -25.09 20.73
CA ILE A 126 -30.72 -23.63 20.55
C ILE A 126 -31.00 -23.18 19.12
N ASP A 127 -31.09 -21.86 18.98
CA ASP A 127 -31.53 -21.23 17.76
C ASP A 127 -30.47 -20.49 16.99
N GLY A 128 -29.47 -19.97 17.66
CA GLY A 128 -28.35 -19.32 16.97
C GLY A 128 -27.13 -19.11 17.85
N ILE A 129 -26.01 -18.78 17.22
CA ILE A 129 -24.76 -18.58 17.93
C ILE A 129 -24.04 -17.35 17.42
N MET A 130 -23.59 -16.54 18.36
CA MET A 130 -22.71 -15.43 18.08
C MET A 130 -21.40 -15.79 18.71
N ILE A 131 -20.34 -15.82 17.93
CA ILE A 131 -19.05 -16.17 18.52
C ILE A 131 -18.11 -15.02 18.35
N ARG A 132 -17.34 -14.72 19.38
CA ARG A 132 -16.12 -13.97 19.22
C ARG A 132 -14.98 -14.86 19.64
N THR A 133 -14.01 -14.99 18.74
CA THR A 133 -12.79 -15.73 18.99
C THR A 133 -11.72 -15.05 18.16
N PHE A 134 -10.50 -15.53 18.23
CA PHE A 134 -9.43 -14.82 17.58
C PHE A 134 -9.26 -15.31 16.17
N SER A 135 -9.15 -16.63 16.01
CA SER A 135 -8.92 -17.22 14.70
C SER A 135 -10.21 -17.34 13.91
N HIS A 136 -10.26 -16.61 12.82
CA HIS A 136 -11.43 -16.63 11.95
C HIS A 136 -11.71 -18.00 11.36
N ALA A 137 -10.65 -18.72 11.03
CA ALA A 137 -10.78 -20.09 10.56
C ALA A 137 -11.67 -20.92 11.48
N ASP A 138 -11.52 -20.73 12.79
CA ASP A 138 -12.31 -21.45 13.77
C ASP A 138 -13.79 -21.20 13.59
N VAL A 139 -14.13 -19.93 13.39
CA VAL A 139 -15.50 -19.51 13.18
C VAL A 139 -16.09 -20.14 11.93
N GLU A 140 -15.32 -20.09 10.86
CA GLU A 140 -15.74 -20.72 9.63
C GLU A 140 -16.14 -22.14 9.90
N GLU A 141 -15.30 -22.82 10.67
CA GLU A 141 -15.49 -24.22 10.96
C GLU A 141 -16.79 -24.39 11.74
N LEU A 142 -16.90 -23.66 12.83
CA LEU A 142 -18.12 -23.73 13.61
C LEU A 142 -19.35 -23.54 12.71
N ALA A 143 -19.27 -22.62 11.76
CA ALA A 143 -20.42 -22.36 10.92
C ALA A 143 -20.79 -23.55 10.04
N LYS A 144 -19.77 -24.16 9.43
CA LYS A 144 -19.97 -25.31 8.52
C LYS A 144 -20.67 -26.39 9.30
N GLU A 145 -20.05 -26.73 10.42
CA GLU A 145 -20.51 -27.79 11.28
C GLU A 145 -21.82 -27.44 11.99
N SER A 146 -22.07 -26.19 12.32
CA SER A 146 -23.32 -25.86 12.97
C SER A 146 -24.46 -25.87 11.98
N SER A 147 -25.65 -26.24 12.46
CA SER A 147 -26.82 -26.31 11.59
C SER A 147 -27.79 -25.22 11.98
N ILE A 148 -27.29 -24.27 12.74
CA ILE A 148 -28.06 -23.09 13.08
C ILE A 148 -27.17 -21.89 12.73
N PRO A 149 -27.74 -20.72 12.67
CA PRO A 149 -26.98 -19.58 12.26
C PRO A 149 -25.83 -19.25 13.18
N VAL A 150 -24.73 -18.82 12.58
CA VAL A 150 -23.55 -18.41 13.31
C VAL A 150 -23.17 -17.01 12.90
N ILE A 151 -22.88 -16.18 13.89
CA ILE A 151 -22.57 -14.78 13.64
C ILE A 151 -21.24 -14.43 14.22
N ASN A 152 -20.38 -13.85 13.39
CA ASN A 152 -19.08 -13.47 13.86
C ASN A 152 -19.11 -12.19 14.67
N GLY A 153 -18.93 -12.38 15.97
CA GLY A 153 -18.89 -11.28 16.93
C GLY A 153 -17.67 -10.42 16.72
N LEU A 154 -16.57 -11.12 16.41
CA LEU A 154 -15.35 -10.47 16.04
C LEU A 154 -14.27 -11.51 16.04
N THR A 155 -13.61 -11.61 14.91
CA THR A 155 -12.38 -12.34 14.83
C THR A 155 -11.26 -11.34 14.60
N ASP A 156 -10.03 -11.83 14.62
CA ASP A 156 -8.91 -10.95 14.38
C ASP A 156 -8.96 -10.27 13.04
N ASP A 157 -9.52 -10.95 12.05
CA ASP A 157 -9.56 -10.47 10.69
C ASP A 157 -10.81 -9.70 10.36
N HIS A 158 -11.90 -9.99 11.06
CA HIS A 158 -13.19 -9.50 10.66
C HIS A 158 -14.07 -9.07 11.75
N HIS A 159 -14.81 -7.99 11.48
CA HIS A 159 -15.76 -7.50 12.42
C HIS A 159 -16.92 -6.96 11.74
N PRO A 160 -17.76 -7.85 11.27
CA PRO A 160 -18.86 -7.46 10.39
C PRO A 160 -19.86 -6.58 11.10
N CYS A 161 -20.16 -6.97 12.33
CA CYS A 161 -21.29 -6.36 12.97
C CYS A 161 -21.04 -4.90 13.20
N GLN A 162 -19.79 -4.55 13.37
CA GLN A 162 -19.43 -3.19 13.61
C GLN A 162 -19.71 -2.38 12.36
N ALA A 163 -19.11 -2.85 11.27
CA ALA A 163 -19.26 -2.20 9.98
C ALA A 163 -20.74 -2.02 9.64
N LEU A 164 -21.52 -3.04 9.93
CA LEU A 164 -22.90 -2.96 9.64
C LEU A 164 -23.57 -1.87 10.47
N ALA A 165 -23.24 -1.74 11.75
CA ALA A 165 -23.73 -0.61 12.54
C ALA A 165 -23.22 0.76 12.01
N ASP A 166 -22.00 0.77 11.51
CA ASP A 166 -21.45 1.97 10.92
C ASP A 166 -22.20 2.36 9.64
N LEU A 167 -22.53 1.39 8.80
CA LEU A 167 -23.21 1.76 7.58
C LEU A 167 -24.56 2.33 7.97
N MET A 168 -25.18 1.69 8.96
CA MET A 168 -26.49 2.13 9.39
C MET A 168 -26.40 3.59 9.77
N THR A 169 -25.38 3.92 10.54
CA THR A 169 -25.18 5.26 11.03
C THR A 169 -25.03 6.25 9.90
N ILE A 170 -24.25 5.88 8.90
CA ILE A 170 -24.02 6.78 7.80
C ILE A 170 -25.30 7.00 7.02
N TYR A 171 -26.03 5.94 6.85
CA TYR A 171 -27.20 5.99 6.03
C TYR A 171 -28.25 6.80 6.73
N GLU A 172 -28.22 6.79 8.06
CA GLU A 172 -29.13 7.59 8.85
C GLU A 172 -28.91 9.02 8.47
N GLU A 173 -27.67 9.39 8.21
CA GLU A 173 -27.35 10.75 7.85
C GLU A 173 -27.64 11.05 6.38
N THR A 174 -27.13 10.22 5.47
CA THR A 174 -27.16 10.53 4.03
C THR A 174 -28.38 10.01 3.33
N ASN A 175 -28.94 8.94 3.87
CA ASN A 175 -30.00 8.20 3.17
C ASN A 175 -29.60 7.58 1.82
N THR A 176 -28.31 7.31 1.63
CA THR A 176 -27.81 6.79 0.36
C THR A 176 -26.33 6.60 0.42
N PHE A 177 -25.80 5.60 -0.29
CA PHE A 177 -24.36 5.40 -0.39
C PHE A 177 -23.78 5.85 -1.71
N LYS A 178 -24.62 5.90 -2.74
CA LYS A 178 -24.18 6.41 -4.02
C LYS A 178 -23.56 7.75 -3.72
N GLY A 179 -22.25 7.85 -3.98
CA GLY A 179 -21.60 9.14 -4.08
C GLY A 179 -21.00 9.64 -2.80
N ILE A 180 -20.67 8.71 -1.93
CA ILE A 180 -20.30 9.07 -0.58
C ILE A 180 -18.91 8.56 -0.32
N LYS A 181 -18.07 9.39 0.32
CA LYS A 181 -16.69 8.98 0.62
C LYS A 181 -16.47 8.85 2.10
N LEU A 182 -15.91 7.72 2.46
CA LEU A 182 -15.53 7.46 3.82
C LEU A 182 -14.03 7.32 3.81
N ALA A 183 -13.37 8.08 4.66
CA ALA A 183 -11.94 7.90 4.89
C ALA A 183 -11.73 7.18 6.19
N TYR A 184 -10.90 6.17 6.16
CA TYR A 184 -10.44 5.54 7.38
C TYR A 184 -8.96 5.74 7.44
N VAL A 185 -8.49 6.30 8.53
CA VAL A 185 -7.07 6.39 8.75
C VAL A 185 -6.79 5.74 10.06
N GLY A 186 -5.65 5.06 10.12
CA GLY A 186 -5.23 4.38 11.32
C GLY A 186 -4.57 3.06 10.97
N ASP A 187 -4.72 2.09 11.85
CA ASP A 187 -4.13 0.78 11.65
C ASP A 187 -5.04 -0.04 10.75
N GLY A 188 -4.44 -0.85 9.90
CA GLY A 188 -5.19 -1.68 8.97
C GLY A 188 -5.71 -2.92 9.65
N ASN A 189 -6.76 -2.72 10.42
CA ASN A 189 -7.22 -3.70 11.35
C ASN A 189 -8.51 -4.37 10.89
N ASN A 190 -9.07 -5.23 11.73
CA ASN A 190 -10.26 -5.99 11.35
C ASN A 190 -11.46 -5.08 11.05
N VAL A 191 -11.59 -3.97 11.74
CA VAL A 191 -12.73 -3.11 11.48
C VAL A 191 -12.52 -2.38 10.18
N CYS A 192 -11.26 -2.15 9.87
CA CYS A 192 -10.91 -1.65 8.56
C CYS A 192 -11.37 -2.62 7.48
N HIS A 193 -10.94 -3.87 7.62
CA HIS A 193 -11.32 -4.88 6.66
C HIS A 193 -12.81 -4.83 6.49
N SER A 194 -13.54 -4.83 7.60
CA SER A 194 -14.96 -5.00 7.47
C SER A 194 -15.59 -3.78 6.81
N LEU A 195 -14.97 -2.64 6.99
CA LEU A 195 -15.44 -1.47 6.33
C LEU A 195 -15.19 -1.55 4.85
N LEU A 196 -14.06 -2.12 4.47
CA LEU A 196 -13.77 -2.19 3.05
C LEU A 196 -14.84 -2.98 2.33
N LEU A 197 -15.03 -4.18 2.80
CA LEU A 197 -16.04 -5.04 2.23
C LEU A 197 -17.41 -4.36 2.28
N ALA A 198 -17.74 -3.81 3.45
CA ALA A 198 -19.04 -3.16 3.60
C ALA A 198 -19.19 -2.06 2.53
N SER A 199 -18.17 -1.23 2.33
CA SER A 199 -18.32 -0.08 1.45
C SER A 199 -18.44 -0.58 0.03
N ALA A 200 -17.59 -1.54 -0.30
CA ALA A 200 -17.58 -2.12 -1.64
C ALA A 200 -18.96 -2.64 -1.99
N LYS A 201 -19.59 -3.33 -1.05
CA LYS A 201 -20.90 -3.90 -1.28
C LYS A 201 -21.94 -2.86 -1.58
N VAL A 202 -21.93 -1.74 -0.88
CA VAL A 202 -22.95 -0.75 -1.09
C VAL A 202 -22.55 0.38 -2.04
N GLY A 203 -21.37 0.31 -2.64
CA GLY A 203 -20.97 1.30 -3.64
C GLY A 203 -20.57 2.61 -3.00
N MET A 204 -20.17 2.53 -1.76
CA MET A 204 -19.64 3.67 -1.09
C MET A 204 -18.18 3.67 -1.36
N HIS A 205 -17.63 4.83 -1.69
CA HIS A 205 -16.20 5.02 -1.89
C HIS A 205 -15.51 5.08 -0.57
N MET A 206 -14.32 4.50 -0.49
CA MET A 206 -13.55 4.47 0.74
C MET A 206 -12.05 4.50 0.39
N THR A 207 -11.31 5.40 1.03
CA THR A 207 -9.86 5.38 0.93
C THR A 207 -9.29 5.13 2.30
N VAL A 208 -8.19 4.41 2.36
CA VAL A 208 -7.54 4.12 3.62
C VAL A 208 -6.13 4.67 3.62
N ALA A 209 -5.79 5.34 4.73
CA ALA A 209 -4.44 5.79 4.95
C ALA A 209 -3.95 5.08 6.19
N THR A 210 -2.85 4.34 6.06
CA THR A 210 -2.19 3.71 7.20
C THR A 210 -0.74 3.92 7.04
N PRO A 211 -0.03 3.92 8.13
CA PRO A 211 1.41 4.01 8.05
C PRO A 211 2.02 2.81 7.35
N VAL A 212 3.31 2.92 7.07
CA VAL A 212 3.99 2.03 6.14
C VAL A 212 3.86 0.55 6.49
N GLY A 213 3.94 0.24 7.78
CA GLY A 213 3.88 -1.15 8.16
C GLY A 213 2.49 -1.77 8.20
N TYR A 214 1.48 -0.93 8.25
CA TYR A 214 0.24 -1.32 8.88
C TYR A 214 -0.92 -1.35 7.94
N ARG A 215 -0.62 -1.62 6.66
CA ARG A 215 -1.66 -1.78 5.67
C ARG A 215 -2.46 -3.00 6.02
N PRO A 216 -3.71 -3.04 5.57
CA PRO A 216 -4.58 -4.19 5.75
C PRO A 216 -4.26 -5.30 4.75
N ASN A 217 -4.97 -6.41 4.84
CA ASN A 217 -4.51 -7.63 4.20
C ASN A 217 -4.74 -7.62 2.76
N GLU A 218 -3.76 -8.07 2.00
CA GLU A 218 -3.91 -8.10 0.57
C GLU A 218 -5.19 -8.83 0.23
N GLU A 219 -5.33 -10.03 0.77
CA GLU A 219 -6.45 -10.86 0.39
C GLU A 219 -7.77 -10.17 0.52
N ILE A 220 -7.94 -9.37 1.55
CA ILE A 220 -9.17 -8.63 1.70
C ILE A 220 -9.26 -7.48 0.70
N VAL A 221 -8.26 -6.60 0.71
CA VAL A 221 -8.26 -5.51 -0.25
C VAL A 221 -8.70 -6.06 -1.58
N LYS A 222 -8.10 -7.20 -1.92
CA LYS A 222 -8.36 -7.84 -3.19
C LYS A 222 -9.84 -8.15 -3.35
N LYS A 223 -10.44 -8.82 -2.38
CA LYS A 223 -11.87 -9.16 -2.46
C LYS A 223 -12.71 -7.94 -2.60
N ALA A 224 -12.34 -6.95 -1.83
CA ALA A 224 -13.06 -5.72 -1.78
C ALA A 224 -13.01 -5.08 -3.14
N LEU A 225 -11.83 -5.05 -3.73
CA LEU A 225 -11.71 -4.43 -5.04
C LEU A 225 -12.62 -5.13 -6.06
N ALA A 226 -12.68 -6.45 -5.95
CA ALA A 226 -13.47 -7.30 -6.85
C ALA A 226 -14.98 -7.04 -6.72
N ILE A 227 -15.44 -6.83 -5.49
CA ILE A 227 -16.83 -6.45 -5.26
C ILE A 227 -17.08 -5.10 -5.87
N ALA A 228 -16.13 -4.21 -5.65
CA ALA A 228 -16.29 -2.86 -6.10
C ALA A 228 -16.45 -2.80 -7.60
N LYS A 229 -15.77 -3.70 -8.33
CA LYS A 229 -15.84 -3.69 -9.79
C LYS A 229 -17.32 -3.73 -10.20
N GLU A 230 -18.14 -4.39 -9.41
CA GLU A 230 -19.57 -4.54 -9.69
C GLU A 230 -20.49 -3.51 -9.06
N THR A 231 -20.00 -2.69 -8.15
CA THR A 231 -20.85 -1.68 -7.54
C THR A 231 -20.40 -0.23 -7.85
N GLY A 232 -19.26 -0.11 -8.55
CA GLY A 232 -18.72 1.19 -8.92
C GLY A 232 -18.15 1.94 -7.75
N ALA A 233 -18.14 1.33 -6.57
CA ALA A 233 -17.44 1.91 -5.46
C ALA A 233 -15.95 2.07 -5.83
N GLU A 234 -15.38 3.23 -5.49
CA GLU A 234 -13.94 3.47 -5.59
C GLU A 234 -13.20 3.17 -4.28
N ILE A 235 -12.48 2.05 -4.22
CA ILE A 235 -11.67 1.73 -3.05
C ILE A 235 -10.17 1.98 -3.27
N GLU A 236 -9.48 2.54 -2.26
CA GLU A 236 -8.05 2.77 -2.40
C GLU A 236 -7.34 2.66 -1.11
N ILE A 237 -6.10 2.18 -1.15
CA ILE A 237 -5.24 2.15 0.01
C ILE A 237 -3.92 2.84 -0.24
N LEU A 238 -3.54 3.69 0.70
CA LEU A 238 -2.36 4.50 0.56
C LEU A 238 -1.87 4.97 1.94
N HIS A 239 -1.00 5.96 1.97
CA HIS A 239 -0.30 6.31 3.17
C HIS A 239 -0.57 7.68 3.61
N ASN A 240 -0.40 8.68 2.75
CA ASN A 240 -0.75 10.05 3.16
C ASN A 240 -2.24 10.20 3.51
N PRO A 241 -2.53 10.49 4.78
CA PRO A 241 -3.91 10.67 5.19
C PRO A 241 -4.60 11.89 4.62
N GLU A 242 -3.91 12.99 4.41
CA GLU A 242 -4.55 14.10 3.77
C GLU A 242 -5.26 13.62 2.53
N LEU A 243 -4.63 12.70 1.81
CA LEU A 243 -5.28 12.18 0.62
C LEU A 243 -6.52 11.41 0.92
N ALA A 244 -6.48 10.59 1.96
CA ALA A 244 -7.66 9.81 2.30
C ALA A 244 -8.78 10.76 2.67
N VAL A 245 -8.52 11.71 3.54
CA VAL A 245 -9.61 12.54 4.03
C VAL A 245 -10.13 13.56 3.05
N ASN A 246 -9.41 13.79 1.98
CA ASN A 246 -9.83 14.82 1.07
C ASN A 246 -11.26 14.60 0.59
N GLU A 247 -12.07 15.65 0.70
CA GLU A 247 -13.45 15.62 0.21
C GLU A 247 -14.24 14.44 0.73
N ALA A 248 -13.90 14.01 1.93
CA ALA A 248 -14.58 12.91 2.54
C ALA A 248 -15.84 13.43 3.23
N ASP A 249 -16.86 12.60 3.22
CA ASP A 249 -18.10 12.87 3.93
C ASP A 249 -18.04 12.33 5.36
N PHE A 250 -17.08 11.44 5.61
CA PHE A 250 -16.94 10.76 6.89
C PHE A 250 -15.50 10.39 7.18
N ILE A 251 -15.10 10.53 8.43
CA ILE A 251 -13.76 10.16 8.83
C ILE A 251 -13.87 9.20 9.99
N TYR A 252 -13.01 8.19 9.97
CA TYR A 252 -13.09 7.08 10.88
C TYR A 252 -11.71 6.73 11.32
N THR A 253 -11.47 6.72 12.62
CA THR A 253 -10.23 6.16 13.13
C THR A 253 -10.55 5.22 14.26
N ASP A 254 -9.49 4.75 14.91
CA ASP A 254 -9.58 3.78 15.98
C ASP A 254 -8.19 3.73 16.63
N VAL A 255 -8.14 3.18 17.85
CA VAL A 255 -6.91 3.03 18.63
C VAL A 255 -5.78 2.27 17.91
N TRP A 256 -4.58 2.41 18.44
CA TRP A 256 -3.38 1.91 17.85
C TRP A 256 -2.80 0.71 18.56
N GLY A 263 9.18 -1.36 21.65
CA GLY A 263 7.80 -1.69 21.29
C GLY A 263 6.99 -0.45 20.96
N GLU A 264 6.41 0.18 21.98
CA GLU A 264 5.58 1.36 21.80
C GLU A 264 6.44 2.60 21.43
N GLU A 265 7.52 2.87 22.16
CA GLU A 265 8.39 4.03 21.89
C GLU A 265 8.48 4.37 20.36
N GLU A 266 8.92 3.41 19.54
CA GLU A 266 9.13 3.64 18.08
C GLU A 266 7.83 3.62 17.26
N LYS A 267 6.83 2.84 17.68
CA LYS A 267 5.53 2.79 16.97
C LYS A 267 4.79 4.11 17.09
N TYR A 268 4.74 4.62 18.31
CA TYR A 268 3.97 5.80 18.63
C TYR A 268 4.44 6.91 17.71
N THR A 269 5.75 7.12 17.63
CA THR A 269 6.31 8.22 16.83
C THR A 269 5.93 8.13 15.34
N LEU A 270 5.74 6.91 14.87
CA LEU A 270 5.28 6.63 13.49
C LEU A 270 3.81 6.96 13.16
N PHE A 271 2.91 6.78 14.13
CA PHE A 271 1.49 7.08 13.95
C PHE A 271 1.12 8.50 14.33
N GLN A 272 2.01 9.21 15.01
CA GLN A 272 1.68 10.56 15.47
C GLN A 272 1.11 11.41 14.34
N PRO A 273 1.66 11.28 13.14
CA PRO A 273 1.06 12.04 12.05
C PRO A 273 -0.31 11.57 11.59
N TYR A 274 -0.76 10.40 12.02
CA TYR A 274 -2.02 9.82 11.55
C TYR A 274 -3.14 10.17 12.57
N GLN A 275 -2.91 11.23 13.35
CA GLN A 275 -3.90 11.70 14.29
C GLN A 275 -4.98 12.51 13.58
N ILE A 276 -6.22 12.34 14.02
CA ILE A 276 -7.35 13.17 13.58
C ILE A 276 -7.40 14.43 14.42
N ASN A 277 -7.36 15.59 13.78
CA ASN A 277 -7.34 16.88 14.49
C ASN A 277 -7.81 18.05 13.64
N LYS A 278 -8.02 19.20 14.30
CA LYS A 278 -8.49 20.41 13.64
C LYS A 278 -7.81 20.51 12.30
N GLU A 279 -6.49 20.39 12.37
CA GLU A 279 -5.64 20.51 11.19
C GLU A 279 -5.95 19.56 10.06
N LEU A 280 -5.90 18.26 10.33
CA LEU A 280 -6.22 17.28 9.28
C LEU A 280 -7.66 17.35 8.80
N VAL A 281 -8.62 17.54 9.69
CA VAL A 281 -10.02 17.50 9.24
C VAL A 281 -10.41 18.65 8.31
N LYS A 282 -9.62 19.71 8.27
CA LYS A 282 -9.93 20.81 7.36
C LYS A 282 -10.01 20.33 5.86
N HIS A 283 -9.26 19.29 5.50
CA HIS A 283 -9.19 18.78 4.10
C HIS A 283 -10.40 17.99 3.67
N ALA A 284 -11.21 17.58 4.63
CA ALA A 284 -12.48 16.95 4.33
C ALA A 284 -13.51 18.01 4.02
N LYS A 285 -14.70 17.54 3.68
CA LYS A 285 -15.80 18.43 3.48
C LYS A 285 -16.08 19.18 4.76
N GLN A 286 -16.52 20.41 4.59
CA GLN A 286 -17.03 21.20 5.69
C GLN A 286 -17.96 20.37 6.55
N THR A 287 -18.74 19.54 5.90
CA THR A 287 -19.90 18.91 6.52
C THR A 287 -19.67 17.42 6.82
N TYR A 288 -18.42 17.08 7.12
CA TYR A 288 -18.07 15.71 7.43
C TYR A 288 -18.55 15.36 8.83
N HIS A 289 -18.63 14.06 9.11
CA HIS A 289 -18.91 13.62 10.45
C HIS A 289 -17.87 12.65 10.84
N PHE A 290 -17.62 12.55 12.13
CA PHE A 290 -16.52 11.72 12.62
C PHE A 290 -17.06 10.46 13.22
N LEU A 291 -16.39 9.35 12.94
CA LEU A 291 -16.77 8.08 13.50
C LEU A 291 -15.60 7.46 14.24
N HIS A 292 -15.91 6.61 15.21
CA HIS A 292 -14.92 5.86 15.96
C HIS A 292 -15.68 4.79 16.66
N CYS A 293 -15.14 3.57 16.65
CA CYS A 293 -15.89 2.39 17.17
C CYS A 293 -15.77 2.28 18.68
N LEU A 294 -14.81 3.02 19.22
CA LEU A 294 -14.63 3.15 20.62
C LEU A 294 -14.07 1.86 21.17
N PRO A 295 -13.40 1.97 22.31
CA PRO A 295 -13.19 3.21 23.04
C PRO A 295 -12.06 4.02 22.44
N ALA A 296 -11.91 5.26 22.89
CA ALA A 296 -10.86 6.13 22.37
C ALA A 296 -9.87 6.59 23.43
N HIS A 297 -8.68 6.92 22.97
CA HIS A 297 -7.66 7.54 23.78
C HIS A 297 -7.47 8.89 23.23
N ARG A 298 -8.06 9.87 23.88
CA ARG A 298 -7.96 11.24 23.39
C ARG A 298 -6.55 11.73 23.48
N GLU A 299 -6.21 12.55 22.50
CA GLU A 299 -4.86 13.06 22.32
C GLU A 299 -3.87 11.96 21.89
N GLU A 300 -4.44 10.82 21.45
CA GLU A 300 -3.74 9.86 20.61
C GLU A 300 -4.33 9.85 19.21
N GLU A 301 -5.15 8.87 18.89
CA GLU A 301 -5.72 8.80 17.54
C GLU A 301 -6.55 10.02 17.18
N VAL A 302 -7.21 10.60 18.18
CA VAL A 302 -8.12 11.71 17.94
C VAL A 302 -7.96 12.71 19.05
N THR A 303 -7.95 14.01 18.69
CA THR A 303 -8.04 15.07 19.68
C THR A 303 -9.48 15.18 20.22
N GLY A 304 -9.62 15.51 21.49
CA GLY A 304 -10.91 15.75 22.07
C GLY A 304 -11.73 16.74 21.28
N GLU A 305 -11.08 17.82 20.82
CA GLU A 305 -11.79 18.83 20.02
C GLU A 305 -12.70 18.17 19.00
N ILE A 306 -12.15 17.18 18.31
CA ILE A 306 -12.87 16.51 17.24
C ILE A 306 -13.91 15.56 17.80
N ILE A 307 -13.48 14.65 18.65
CA ILE A 307 -14.36 13.57 19.07
C ILE A 307 -15.54 14.07 19.90
N ASP A 308 -15.32 15.13 20.64
CA ASP A 308 -16.39 15.71 21.44
C ASP A 308 -17.06 16.89 20.74
N GLY A 309 -16.55 17.25 19.56
CA GLY A 309 -17.12 18.32 18.75
C GLY A 309 -18.41 17.88 18.07
N PRO A 310 -19.10 18.82 17.43
CA PRO A 310 -20.46 18.58 16.89
C PRO A 310 -20.40 17.82 15.59
N GLN A 311 -19.20 17.69 15.06
CA GLN A 311 -19.03 16.93 13.89
C GLN A 311 -19.06 15.47 14.22
N SER A 312 -18.77 15.13 15.47
CA SER A 312 -18.70 13.74 15.89
C SER A 312 -20.07 13.17 15.93
N ILE A 313 -20.17 11.90 15.57
CA ILE A 313 -21.40 11.14 15.80
C ILE A 313 -21.08 9.77 16.36
N VAL A 314 -20.05 9.70 17.18
CA VAL A 314 -19.59 8.43 17.72
C VAL A 314 -20.62 7.78 18.63
N PHE A 315 -21.48 8.59 19.23
CA PHE A 315 -22.46 8.10 20.15
C PHE A 315 -23.60 7.43 19.42
N GLU A 316 -24.13 8.14 18.44
CA GLU A 316 -25.15 7.58 17.61
C GLU A 316 -24.65 6.24 17.06
N GLN A 317 -23.40 6.23 16.65
CA GLN A 317 -22.74 5.04 16.16
C GLN A 317 -22.90 3.97 17.18
N ALA A 318 -22.40 4.26 18.37
CA ALA A 318 -22.42 3.32 19.49
C ALA A 318 -23.76 2.67 19.70
N GLY A 319 -24.78 3.48 19.65
CA GLY A 319 -26.12 2.97 19.89
C GLY A 319 -26.51 1.98 18.84
N ASN A 320 -26.23 2.33 17.60
CA ASN A 320 -26.71 1.53 16.50
C ASN A 320 -26.15 0.14 16.48
N ARG A 321 -25.13 -0.15 17.27
CA ARG A 321 -24.72 -1.53 17.38
C ARG A 321 -25.90 -2.40 17.70
N LEU A 322 -26.66 -1.93 18.69
CA LEU A 322 -27.79 -2.66 19.22
C LEU A 322 -28.75 -3.00 18.11
N HIS A 323 -29.13 -1.96 17.37
CA HIS A 323 -30.19 -2.07 16.42
C HIS A 323 -29.80 -2.81 15.18
N ALA A 324 -28.60 -2.56 14.69
CA ALA A 324 -28.15 -3.25 13.50
C ALA A 324 -28.25 -4.72 13.80
N GLN A 325 -27.62 -5.09 14.89
CA GLN A 325 -27.59 -6.46 15.28
C GLN A 325 -29.00 -7.05 15.40
N LYS A 326 -29.88 -6.35 16.08
CA LYS A 326 -31.23 -6.83 16.21
C LYS A 326 -31.74 -7.19 14.82
N ALA A 327 -31.63 -6.26 13.88
CA ALA A 327 -32.12 -6.47 12.52
C ALA A 327 -31.54 -7.76 11.93
N LEU A 328 -30.21 -7.89 12.05
CA LEU A 328 -29.51 -9.07 11.57
C LEU A 328 -30.03 -10.32 12.19
N LEU A 329 -30.05 -10.36 13.51
CA LEU A 329 -30.56 -11.52 14.25
C LEU A 329 -31.94 -11.99 13.76
N VAL A 330 -32.87 -11.06 13.65
CA VAL A 330 -34.22 -11.42 13.29
C VAL A 330 -34.28 -12.02 11.91
N SER A 331 -33.49 -11.50 11.00
CA SER A 331 -33.53 -12.03 9.65
C SER A 331 -32.96 -13.40 9.60
N LEU A 332 -31.88 -13.59 10.32
CA LEU A 332 -31.24 -14.87 10.30
C LEU A 332 -32.18 -15.88 10.92
N PHE A 333 -32.87 -15.52 11.99
CA PHE A 333 -33.65 -16.50 12.75
C PHE A 333 -34.93 -16.91 12.08
N LYS A 334 -35.42 -16.09 11.15
CA LYS A 334 -36.61 -16.46 10.36
C LYS A 334 -36.29 -17.23 9.08
N ASN A 335 -35.08 -17.73 8.93
CA ASN A 335 -34.78 -18.67 7.85
C ASN A 335 -35.13 -20.12 8.27
N VAL A 336 -36.12 -20.29 9.13
CA VAL A 336 -36.50 -21.62 9.65
C VAL A 336 -37.16 -22.54 8.59
N VAL B 28 38.60 20.57 -15.56
CA VAL B 28 37.27 19.93 -15.33
C VAL B 28 37.01 19.87 -13.82
N GLN B 29 35.80 20.24 -13.39
CA GLN B 29 35.49 20.47 -11.97
C GLN B 29 34.71 19.30 -11.29
N VAL B 30 35.44 18.28 -10.87
CA VAL B 30 34.86 17.00 -10.43
C VAL B 30 34.18 17.10 -9.07
N PRO B 31 33.01 16.46 -8.89
CA PRO B 31 32.30 16.44 -7.62
C PRO B 31 32.94 15.57 -6.53
N LYS B 32 33.02 16.11 -5.31
CA LYS B 32 33.50 15.35 -4.15
C LYS B 32 32.27 14.65 -3.52
N LEU B 33 32.32 13.33 -3.46
CA LEU B 33 31.29 12.57 -2.79
C LEU B 33 31.81 12.08 -1.49
N ASN B 34 30.98 12.18 -0.47
CA ASN B 34 31.34 11.67 0.82
C ASN B 34 30.99 10.21 0.96
N THR B 35 31.49 9.36 0.05
CA THR B 35 31.20 7.94 0.07
C THR B 35 32.11 7.17 -0.90
N LYS B 36 32.56 5.98 -0.47
CA LYS B 36 33.47 5.12 -1.23
C LYS B 36 32.67 4.35 -2.25
N ASP B 37 31.47 3.94 -1.82
CA ASP B 37 30.66 3.01 -2.59
C ASP B 37 29.36 3.69 -3.02
N LEU B 38 28.65 3.03 -3.93
CA LEU B 38 27.31 3.45 -4.27
C LEU B 38 26.44 2.23 -4.53
N LEU B 39 25.52 2.00 -3.60
CA LEU B 39 24.87 0.71 -3.47
C LEU B 39 23.37 0.78 -3.60
N THR B 40 22.69 1.52 -2.72
CA THR B 40 21.29 1.98 -2.89
C THR B 40 21.53 3.39 -3.28
N LEU B 41 20.54 4.22 -3.53
CA LEU B 41 21.03 5.60 -3.73
C LEU B 41 21.28 6.42 -2.47
N GLU B 42 21.06 5.85 -1.30
CA GLU B 42 20.84 6.67 -0.11
C GLU B 42 22.10 7.17 0.58
N GLU B 43 23.26 6.81 0.08
CA GLU B 43 24.49 7.28 0.68
C GLU B 43 24.89 8.62 0.04
N LEU B 44 23.95 9.28 -0.63
CA LEU B 44 24.24 10.57 -1.23
C LEU B 44 23.37 11.65 -0.67
N THR B 45 23.96 12.83 -0.49
CA THR B 45 23.21 14.01 -0.14
C THR B 45 22.46 14.46 -1.39
N GLN B 46 21.54 15.40 -1.22
CA GLN B 46 20.79 15.91 -2.37
C GLN B 46 21.69 16.69 -3.30
N GLU B 47 22.53 17.53 -2.70
CA GLU B 47 23.49 18.32 -3.45
C GLU B 47 24.34 17.37 -4.22
N GLU B 48 24.79 16.30 -3.57
CA GLU B 48 25.68 15.34 -4.19
C GLU B 48 25.04 14.87 -5.53
N ILE B 49 23.78 14.50 -5.46
CA ILE B 49 23.08 14.05 -6.65
C ILE B 49 22.97 15.09 -7.78
N ILE B 50 22.75 16.34 -7.45
CA ILE B 50 22.71 17.34 -8.50
C ILE B 50 24.10 17.41 -9.11
N SER B 51 25.08 17.68 -8.27
CA SER B 51 26.45 17.82 -8.73
C SER B 51 26.77 16.73 -9.70
N LEU B 52 26.38 15.50 -9.37
CA LEU B 52 26.57 14.40 -10.30
C LEU B 52 25.88 14.66 -11.60
N ILE B 53 24.58 14.92 -11.54
CA ILE B 53 23.82 15.20 -12.75
C ILE B 53 24.41 16.31 -13.58
N GLU B 54 24.73 17.41 -12.93
CA GLU B 54 25.25 18.56 -13.64
C GLU B 54 26.58 18.23 -14.32
N PHE B 55 27.35 17.39 -13.68
CA PHE B 55 28.61 16.94 -14.21
C PHE B 55 28.39 16.00 -15.39
N ALA B 56 27.51 15.00 -15.22
CA ALA B 56 27.17 14.10 -16.33
C ALA B 56 26.79 14.92 -17.56
N ILE B 57 25.93 15.90 -17.40
CA ILE B 57 25.61 16.75 -18.54
C ILE B 57 26.82 17.44 -19.15
N TYR B 58 27.69 17.96 -18.30
CA TYR B 58 28.86 18.62 -18.82
C TYR B 58 29.73 17.65 -19.60
N LEU B 59 29.82 16.42 -19.13
CA LEU B 59 30.63 15.43 -19.81
C LEU B 59 30.04 15.05 -21.14
N LYS B 60 28.75 14.74 -21.12
CA LYS B 60 27.97 14.59 -22.36
C LYS B 60 28.25 15.67 -23.41
N LYS B 61 28.41 16.92 -22.98
CA LYS B 61 28.69 18.01 -23.92
C LYS B 61 30.13 18.04 -24.33
N ASN B 62 31.02 17.53 -23.51
CA ASN B 62 32.42 17.84 -23.71
C ASN B 62 33.28 16.69 -24.10
N LYS B 63 34.16 17.03 -25.05
CA LYS B 63 34.96 16.05 -25.76
C LYS B 63 35.80 15.21 -24.79
N GLN B 64 35.79 13.91 -25.04
CA GLN B 64 36.11 12.90 -24.07
C GLN B 64 37.45 13.17 -23.45
N GLU B 65 37.42 13.46 -22.17
CA GLU B 65 38.59 13.70 -21.39
C GLU B 65 39.15 12.35 -20.94
N PRO B 66 40.46 12.23 -20.84
CA PRO B 66 41.10 11.04 -20.34
C PRO B 66 41.23 11.10 -18.81
N LEU B 67 40.12 11.38 -18.13
CA LEU B 67 40.17 11.65 -16.70
C LEU B 67 40.51 10.44 -15.84
N LEU B 68 40.32 9.23 -16.37
CA LEU B 68 40.72 8.00 -15.65
C LEU B 68 41.81 7.24 -16.40
N GLN B 69 42.89 7.96 -16.71
CA GLN B 69 43.97 7.36 -17.43
C GLN B 69 44.42 6.13 -16.68
N GLY B 70 44.45 5.00 -17.37
CA GLY B 70 45.02 3.76 -16.84
C GLY B 70 44.32 3.14 -15.64
N LYS B 71 43.17 3.68 -15.26
CA LYS B 71 42.41 3.07 -14.20
C LYS B 71 41.63 1.92 -14.78
N ILE B 72 41.25 0.99 -13.92
CA ILE B 72 40.56 -0.23 -14.34
C ILE B 72 39.32 -0.46 -13.49
N LEU B 73 38.22 -0.77 -14.16
CA LEU B 73 37.01 -1.12 -13.47
C LEU B 73 36.75 -2.59 -13.71
N GLY B 74 36.65 -3.33 -12.62
CA GLY B 74 36.31 -4.73 -12.73
C GLY B 74 34.82 -4.83 -12.91
N LEU B 75 34.38 -5.78 -13.71
CA LEU B 75 32.97 -5.93 -13.98
C LEU B 75 32.59 -7.32 -13.62
N ILE B 76 31.75 -7.46 -12.61
CA ILE B 76 31.36 -8.77 -12.16
C ILE B 76 29.93 -9.09 -12.49
N PHE B 77 29.68 -10.26 -13.09
CA PHE B 77 28.32 -10.65 -13.45
C PHE B 77 27.75 -11.94 -12.86
N ASP B 78 26.45 -11.86 -12.63
CA ASP B 78 25.60 -12.92 -12.14
C ASP B 78 25.04 -13.52 -13.42
N LYS B 79 23.99 -12.91 -13.96
CA LYS B 79 23.55 -13.20 -15.30
C LYS B 79 24.28 -12.13 -16.08
N HIS B 80 25.01 -12.52 -17.12
CA HIS B 80 25.59 -11.54 -18.01
C HIS B 80 24.54 -10.59 -18.57
N SER B 81 24.71 -9.28 -18.38
CA SER B 81 23.80 -8.26 -18.94
C SER B 81 24.41 -7.21 -19.86
N THR B 82 24.08 -7.29 -21.13
CA THR B 82 24.63 -6.39 -22.12
C THR B 82 24.55 -4.91 -21.78
N ARG B 83 23.34 -4.38 -21.67
CA ARG B 83 23.17 -2.94 -21.62
C ARG B 83 24.11 -2.35 -20.57
N THR B 84 24.17 -3.04 -19.44
CA THR B 84 24.97 -2.58 -18.34
C THR B 84 26.44 -2.70 -18.64
N ARG B 85 26.85 -3.90 -18.99
CA ARG B 85 28.23 -4.17 -19.33
C ARG B 85 28.79 -3.20 -20.37
N VAL B 86 28.02 -2.92 -21.40
CA VAL B 86 28.56 -2.10 -22.46
C VAL B 86 28.67 -0.65 -22.02
N SER B 87 27.65 -0.18 -21.33
CA SER B 87 27.60 1.22 -20.94
C SER B 87 28.74 1.52 -19.98
N PHE B 88 29.06 0.51 -19.18
CA PHE B 88 30.14 0.69 -18.25
C PHE B 88 31.47 0.60 -18.97
N GLU B 89 31.68 -0.50 -19.66
CA GLU B 89 32.94 -0.66 -20.35
C GLU B 89 33.21 0.60 -21.21
N ALA B 90 32.21 0.98 -22.00
CA ALA B 90 32.31 2.14 -22.88
C ALA B 90 32.80 3.35 -22.12
N GLY B 91 32.15 3.62 -21.01
CA GLY B 91 32.48 4.79 -20.22
C GLY B 91 33.94 4.83 -19.80
N MET B 92 34.40 3.73 -19.23
CA MET B 92 35.79 3.67 -18.82
C MET B 92 36.73 3.87 -20.01
N VAL B 93 36.43 3.18 -21.12
CA VAL B 93 37.26 3.29 -22.29
C VAL B 93 37.31 4.75 -22.75
N GLN B 94 36.19 5.42 -22.73
CA GLN B 94 36.16 6.79 -23.18
C GLN B 94 36.86 7.70 -22.19
N LEU B 95 36.97 7.28 -20.96
CA LEU B 95 37.67 8.07 -19.95
C LEU B 95 39.16 7.72 -19.85
N GLY B 96 39.64 6.89 -20.76
CA GLY B 96 41.04 6.51 -20.80
C GLY B 96 41.35 5.33 -19.90
N GLY B 97 40.31 4.63 -19.47
CA GLY B 97 40.49 3.53 -18.54
C GLY B 97 40.43 2.22 -19.26
N HIS B 98 39.87 1.23 -18.57
CA HIS B 98 39.63 -0.08 -19.13
C HIS B 98 38.61 -0.73 -18.26
N GLY B 99 37.76 -1.54 -18.87
CA GLY B 99 36.78 -2.34 -18.13
C GLY B 99 37.26 -3.76 -18.22
N MET B 100 37.12 -4.50 -17.11
CA MET B 100 37.63 -5.86 -17.05
C MET B 100 36.49 -6.81 -16.79
N PHE B 101 36.13 -7.57 -17.82
CA PHE B 101 35.01 -8.44 -17.71
C PHE B 101 35.40 -9.66 -16.90
N LEU B 102 34.76 -9.81 -15.76
CA LEU B 102 34.90 -11.01 -14.97
C LEU B 102 33.61 -11.81 -14.94
N ASN B 103 33.74 -13.06 -14.53
CA ASN B 103 32.61 -13.89 -14.16
C ASN B 103 32.55 -14.05 -12.61
N GLY B 104 31.36 -14.40 -12.12
CA GLY B 104 31.17 -14.71 -10.71
C GLY B 104 31.46 -16.16 -10.37
N LYS B 105 31.95 -16.94 -11.33
CA LYS B 105 32.47 -18.30 -11.05
C LYS B 105 33.77 -18.30 -10.22
N GLU B 106 34.05 -19.44 -9.57
CA GLU B 106 35.10 -19.59 -8.53
C GLU B 106 35.29 -18.33 -7.66
N GLU B 113 39.17 -20.43 -1.17
CA GLU B 113 39.13 -19.32 -0.24
C GLU B 113 38.07 -18.28 -0.64
N THR B 114 37.46 -17.69 0.38
CA THR B 114 36.23 -16.91 0.27
C THR B 114 36.28 -15.68 -0.62
N VAL B 115 35.09 -15.10 -0.83
CA VAL B 115 34.93 -13.82 -1.51
C VAL B 115 35.34 -12.67 -0.54
N SER B 116 36.00 -12.99 0.57
CA SER B 116 36.74 -11.99 1.34
C SER B 116 38.19 -11.90 0.88
N ASP B 117 38.90 -13.02 1.03
CA ASP B 117 40.28 -13.17 0.54
C ASP B 117 40.43 -12.54 -0.85
N THR B 118 39.49 -12.82 -1.75
CA THR B 118 39.63 -12.40 -3.15
C THR B 118 39.46 -10.88 -3.32
N ALA B 119 38.57 -10.28 -2.54
CA ALA B 119 38.44 -8.83 -2.59
C ALA B 119 39.72 -8.18 -2.12
N LYS B 120 40.35 -8.70 -1.06
CA LYS B 120 41.63 -8.14 -0.57
C LYS B 120 42.63 -8.03 -1.71
N VAL B 121 42.65 -9.06 -2.55
CA VAL B 121 43.69 -9.19 -3.55
C VAL B 121 43.37 -8.31 -4.72
N LEU B 122 42.16 -8.39 -5.25
CA LEU B 122 41.78 -7.51 -6.33
C LEU B 122 42.08 -6.04 -6.12
N SER B 123 42.01 -5.58 -4.87
CA SER B 123 42.28 -4.20 -4.54
C SER B 123 43.68 -3.79 -4.96
N HIS B 124 44.62 -4.71 -4.84
CA HIS B 124 45.96 -4.57 -5.41
C HIS B 124 45.99 -4.39 -6.87
N TYR B 125 45.19 -5.16 -7.58
CA TYR B 125 45.34 -5.19 -9.02
C TYR B 125 44.45 -4.16 -9.72
N ILE B 126 43.51 -3.56 -9.01
CA ILE B 126 42.43 -2.80 -9.62
C ILE B 126 42.04 -1.56 -8.82
N ASP B 127 41.19 -0.76 -9.47
CA ASP B 127 40.82 0.53 -8.97
C ASP B 127 39.39 0.64 -8.53
N GLY B 128 38.48 -0.12 -9.13
CA GLY B 128 37.09 -0.12 -8.72
C GLY B 128 36.35 -1.33 -9.24
N ILE B 129 35.19 -1.57 -8.67
CA ILE B 129 34.38 -2.70 -9.07
C ILE B 129 32.95 -2.30 -9.28
N MET B 130 32.37 -2.76 -10.38
CA MET B 130 30.95 -2.66 -10.62
C MET B 130 30.44 -4.07 -10.56
N ILE B 131 29.49 -4.35 -9.69
CA ILE B 131 28.96 -5.70 -9.62
C ILE B 131 27.49 -5.67 -9.93
N ARG B 132 27.06 -6.62 -10.75
CA ARG B 132 25.65 -6.96 -10.80
C ARG B 132 25.52 -8.38 -10.34
N THR B 133 24.67 -8.58 -9.35
CA THR B 133 24.35 -9.89 -8.82
C THR B 133 22.91 -9.83 -8.37
N PHE B 134 22.38 -10.92 -7.85
CA PHE B 134 20.99 -10.94 -7.45
C PHE B 134 20.84 -10.47 -6.01
N SER B 135 21.59 -11.08 -5.10
CA SER B 135 21.47 -10.75 -3.68
C SER B 135 22.23 -9.49 -3.29
N HIS B 136 21.48 -8.47 -2.90
CA HIS B 136 22.06 -7.19 -2.50
C HIS B 136 22.99 -7.33 -1.31
N ALA B 137 22.62 -8.21 -0.39
CA ALA B 137 23.47 -8.49 0.75
C ALA B 137 24.89 -8.81 0.31
N ASP B 138 25.01 -9.56 -0.78
CA ASP B 138 26.33 -9.97 -1.25
C ASP B 138 27.18 -8.78 -1.59
N VAL B 139 26.55 -7.84 -2.27
CA VAL B 139 27.22 -6.62 -2.66
C VAL B 139 27.68 -5.85 -1.44
N GLU B 140 26.78 -5.70 -0.47
CA GLU B 140 27.12 -5.00 0.74
C GLU B 140 28.38 -5.57 1.31
N GLU B 141 28.46 -6.90 1.32
CA GLU B 141 29.59 -7.63 1.88
C GLU B 141 30.85 -7.31 1.08
N LEU B 142 30.76 -7.49 -0.22
CA LEU B 142 31.87 -7.13 -1.07
C LEU B 142 32.33 -5.70 -0.80
N ALA B 143 31.40 -4.78 -0.61
CA ALA B 143 31.77 -3.40 -0.38
C ALA B 143 32.61 -3.26 0.88
N LYS B 144 32.14 -3.87 1.96
CA LYS B 144 32.78 -3.73 3.25
C LYS B 144 34.19 -4.20 3.10
N GLU B 145 34.29 -5.42 2.62
CA GLU B 145 35.55 -6.11 2.52
C GLU B 145 36.43 -5.51 1.48
N SER B 146 35.85 -4.93 0.44
CA SER B 146 36.69 -4.31 -0.57
C SER B 146 37.25 -3.00 -0.05
N SER B 147 38.46 -2.67 -0.48
CA SER B 147 39.08 -1.45 -0.08
C SER B 147 39.15 -0.49 -1.25
N ILE B 148 38.35 -0.79 -2.27
CA ILE B 148 38.25 0.08 -3.41
C ILE B 148 36.77 0.25 -3.66
N PRO B 149 36.41 1.24 -4.47
CA PRO B 149 35.01 1.52 -4.62
C PRO B 149 34.23 0.38 -5.21
N VAL B 150 33.00 0.19 -4.74
CA VAL B 150 32.12 -0.82 -5.27
C VAL B 150 30.83 -0.14 -5.75
N ILE B 151 30.37 -0.47 -6.97
CA ILE B 151 29.18 0.14 -7.54
C ILE B 151 28.17 -0.93 -7.86
N ASN B 152 26.96 -0.75 -7.37
CA ASN B 152 25.92 -1.71 -7.64
C ASN B 152 25.35 -1.53 -9.03
N GLY B 153 25.69 -2.49 -9.87
CA GLY B 153 25.23 -2.54 -11.25
C GLY B 153 23.74 -2.82 -11.29
N LEU B 154 23.32 -3.70 -10.41
CA LEU B 154 21.94 -3.99 -10.23
C LEU B 154 21.83 -5.23 -9.35
N THR B 155 21.14 -5.07 -8.23
CA THR B 155 20.75 -6.18 -7.43
C THR B 155 19.24 -6.33 -7.52
N ASP B 156 18.70 -7.40 -6.93
CA ASP B 156 17.27 -7.63 -6.93
C ASP B 156 16.48 -6.49 -6.33
N ASP B 157 17.06 -5.84 -5.34
CA ASP B 157 16.40 -4.77 -4.62
C ASP B 157 16.67 -3.39 -5.16
N HIS B 158 17.84 -3.22 -5.78
CA HIS B 158 18.32 -1.90 -6.09
C HIS B 158 18.95 -1.72 -7.38
N HIS B 159 18.68 -0.59 -7.98
CA HIS B 159 19.29 -0.25 -9.22
C HIS B 159 19.57 1.20 -9.30
N PRO B 160 20.61 1.63 -8.61
CA PRO B 160 20.87 3.03 -8.44
C PRO B 160 21.21 3.70 -9.75
N CYS B 161 22.06 3.05 -10.52
CA CYS B 161 22.63 3.71 -11.66
C CYS B 161 21.54 4.11 -12.65
N GLN B 162 20.50 3.30 -12.71
CA GLN B 162 19.42 3.56 -13.62
C GLN B 162 18.73 4.82 -13.18
N ALA B 163 18.28 4.82 -11.93
CA ALA B 163 17.58 5.96 -11.35
C ALA B 163 18.38 7.25 -11.55
N LEU B 164 19.68 7.14 -11.42
CA LEU B 164 20.52 8.28 -11.58
C LEU B 164 20.48 8.76 -13.05
N ALA B 165 20.53 7.85 -14.02
CA ALA B 165 20.29 8.25 -15.45
C ALA B 165 18.90 8.83 -15.69
N ASP B 166 17.94 8.29 -14.99
CA ASP B 166 16.59 8.79 -15.11
C ASP B 166 16.45 10.19 -14.55
N LEU B 167 17.09 10.50 -13.44
CA LEU B 167 16.97 11.84 -12.93
C LEU B 167 17.62 12.76 -13.92
N MET B 168 18.75 12.33 -14.45
CA MET B 168 19.48 13.14 -15.40
C MET B 168 18.56 13.50 -16.53
N THR B 169 17.90 12.48 -17.06
CA THR B 169 17.04 12.67 -18.22
C THR B 169 15.95 13.66 -17.93
N ILE B 170 15.35 13.56 -16.75
CA ILE B 170 14.26 14.45 -16.40
C ILE B 170 14.78 15.86 -16.29
N TYR B 171 15.95 15.97 -15.68
CA TYR B 171 16.49 17.26 -15.40
C TYR B 171 16.91 17.93 -16.69
N GLU B 172 17.29 17.12 -17.68
CA GLU B 172 17.58 17.62 -19.03
C GLU B 172 16.37 18.34 -19.56
N GLU B 173 15.17 17.83 -19.27
CA GLU B 173 13.96 18.42 -19.73
C GLU B 173 13.56 19.61 -18.87
N THR B 174 13.48 19.41 -17.55
CA THR B 174 12.87 20.40 -16.65
C THR B 174 13.84 21.40 -16.06
N ASN B 175 15.09 20.99 -15.93
CA ASN B 175 16.07 21.76 -15.20
C ASN B 175 15.75 22.01 -13.71
N THR B 176 14.95 21.13 -13.13
CA THR B 176 14.53 21.29 -11.74
C THR B 176 13.68 20.12 -11.33
N PHE B 177 13.73 19.77 -10.05
CA PHE B 177 12.82 18.78 -9.51
C PHE B 177 11.70 19.39 -8.66
N LYS B 178 11.93 20.60 -8.14
CA LYS B 178 10.88 21.33 -7.45
C LYS B 178 9.65 21.33 -8.35
N GLY B 179 8.60 20.65 -7.89
CA GLY B 179 7.26 20.81 -8.45
C GLY B 179 6.93 19.85 -9.55
N ILE B 180 7.60 18.71 -9.56
CA ILE B 180 7.54 17.78 -10.68
C ILE B 180 6.98 16.47 -10.21
N LYS B 181 6.07 15.89 -10.98
CA LYS B 181 5.49 14.62 -10.62
C LYS B 181 5.92 13.55 -11.57
N LEU B 182 6.42 12.47 -11.00
CA LEU B 182 6.75 11.29 -11.74
C LEU B 182 5.79 10.22 -11.27
N ALA B 183 5.09 9.60 -12.22
CA ALA B 183 4.28 8.43 -11.95
C ALA B 183 5.00 7.17 -12.44
N TYR B 184 5.09 6.19 -11.59
CA TYR B 184 5.55 4.90 -11.99
C TYR B 184 4.40 3.97 -11.79
N VAL B 185 4.05 3.25 -12.83
CA VAL B 185 3.07 2.19 -12.68
C VAL B 185 3.71 0.93 -13.15
N GLY B 186 3.36 -0.17 -12.49
CA GLY B 186 3.88 -1.50 -12.84
C GLY B 186 4.14 -2.35 -11.60
N ASP B 187 5.17 -3.19 -11.70
CA ASP B 187 5.56 -4.00 -10.58
C ASP B 187 6.43 -3.18 -9.67
N GLY B 188 6.29 -3.41 -8.38
CA GLY B 188 7.07 -2.68 -7.36
C GLY B 188 8.45 -3.23 -7.22
N ASN B 189 9.28 -2.89 -8.19
CA ASN B 189 10.51 -3.61 -8.40
C ASN B 189 11.73 -2.78 -8.04
N ASN B 190 12.90 -3.30 -8.34
CA ASN B 190 14.14 -2.62 -7.95
C ASN B 190 14.31 -1.22 -8.56
N VAL B 191 13.84 -1.04 -9.78
CA VAL B 191 14.03 0.25 -10.39
C VAL B 191 13.01 1.20 -9.78
N CYS B 192 11.88 0.64 -9.38
CA CYS B 192 10.91 1.40 -8.61
C CYS B 192 11.57 1.90 -7.32
N HIS B 193 12.17 0.96 -6.59
CA HIS B 193 12.82 1.34 -5.33
C HIS B 193 13.75 2.46 -5.57
N SER B 194 14.61 2.29 -6.58
CA SER B 194 15.67 3.24 -6.73
C SER B 194 15.11 4.60 -7.13
N LEU B 195 14.01 4.58 -7.84
CA LEU B 195 13.33 5.81 -8.14
C LEU B 195 12.75 6.45 -6.90
N LEU B 196 12.24 5.66 -5.98
CA LEU B 196 11.63 6.27 -4.82
C LEU B 196 12.65 7.05 -4.07
N LEU B 197 13.74 6.37 -3.74
CA LEU B 197 14.85 7.00 -3.04
C LEU B 197 15.36 8.19 -3.83
N ALA B 198 15.55 8.00 -5.12
CA ALA B 198 16.00 9.09 -5.96
C ALA B 198 15.09 10.29 -5.84
N SER B 199 13.80 10.09 -5.96
CA SER B 199 12.89 11.22 -6.04
C SER B 199 12.85 11.89 -4.70
N ALA B 200 12.78 11.06 -3.65
CA ALA B 200 12.74 11.55 -2.29
C ALA B 200 13.92 12.46 -2.03
N LYS B 201 15.10 12.03 -2.47
CA LYS B 201 16.30 12.80 -2.26
C LYS B 201 16.21 14.18 -2.88
N VAL B 202 15.67 14.26 -4.09
CA VAL B 202 15.69 15.54 -4.81
C VAL B 202 14.40 16.34 -4.69
N GLY B 203 13.43 15.90 -3.90
CA GLY B 203 12.18 16.66 -3.72
C GLY B 203 11.24 16.62 -4.90
N MET B 204 11.37 15.54 -5.67
CA MET B 204 10.44 15.30 -6.76
C MET B 204 9.35 14.45 -6.19
N HIS B 205 8.12 14.80 -6.54
CA HIS B 205 6.95 14.02 -6.16
C HIS B 205 6.86 12.77 -7.01
N MET B 206 6.45 11.65 -6.42
CA MET B 206 6.33 10.39 -7.13
C MET B 206 5.20 9.61 -6.51
N THR B 207 4.28 9.13 -7.35
CA THR B 207 3.25 8.20 -6.90
C THR B 207 3.48 6.90 -7.62
N VAL B 208 3.22 5.81 -6.95
CA VAL B 208 3.35 4.50 -7.58
C VAL B 208 2.01 3.79 -7.59
N ALA B 209 1.66 3.20 -8.75
CA ALA B 209 0.47 2.36 -8.86
C ALA B 209 0.97 0.99 -9.20
N THR B 210 0.69 0.02 -8.33
CA THR B 210 1.02 -1.36 -8.60
C THR B 210 -0.17 -2.16 -8.20
N PRO B 211 -0.35 -3.31 -8.81
CA PRO B 211 -1.44 -4.17 -8.44
C PRO B 211 -1.32 -4.62 -7.00
N VAL B 212 -2.36 -5.28 -6.51
CA VAL B 212 -2.51 -5.60 -5.09
C VAL B 212 -1.35 -6.37 -4.47
N GLY B 213 -0.83 -7.32 -5.22
CA GLY B 213 0.26 -8.10 -4.65
C GLY B 213 1.64 -7.46 -4.69
N TYR B 214 1.81 -6.45 -5.52
CA TYR B 214 3.11 -6.16 -6.08
C TYR B 214 3.65 -4.81 -5.68
N ARG B 215 3.24 -4.35 -4.50
CA ARG B 215 3.76 -3.13 -3.93
C ARG B 215 5.24 -3.33 -3.70
N PRO B 216 6.01 -2.26 -3.68
CA PRO B 216 7.39 -2.29 -3.30
C PRO B 216 7.61 -2.43 -1.78
N ASN B 217 8.86 -2.55 -1.36
CA ASN B 217 9.17 -3.08 -0.04
C ASN B 217 8.91 -2.08 1.00
N GLU B 218 8.31 -2.52 2.11
CA GLU B 218 8.02 -1.61 3.19
C GLU B 218 9.30 -0.85 3.53
N GLU B 219 10.36 -1.61 3.79
CA GLU B 219 11.59 -1.00 4.30
C GLU B 219 12.00 0.18 3.42
N ILE B 220 11.83 0.06 2.11
CA ILE B 220 12.25 1.15 1.23
C ILE B 220 11.26 2.29 1.26
N VAL B 221 9.99 1.96 1.01
CA VAL B 221 8.94 2.98 1.05
C VAL B 221 9.20 3.81 2.27
N LYS B 222 9.46 3.13 3.39
CA LYS B 222 9.67 3.77 4.66
C LYS B 222 10.83 4.75 4.58
N LYS B 223 11.98 4.31 4.11
CA LYS B 223 13.13 5.18 4.02
C LYS B 223 12.82 6.36 3.17
N ALA B 224 12.20 6.06 2.05
CA ALA B 224 11.94 7.06 1.07
C ALA B 224 11.00 8.09 1.69
N LEU B 225 9.98 7.62 2.40
CA LEU B 225 9.05 8.56 3.04
C LEU B 225 9.80 9.46 4.03
N ALA B 226 10.77 8.86 4.72
CA ALA B 226 11.62 9.52 5.72
C ALA B 226 12.44 10.64 5.10
N ILE B 227 13.04 10.35 3.96
CA ILE B 227 13.78 11.35 3.22
C ILE B 227 12.87 12.47 2.77
N ALA B 228 11.71 12.09 2.25
CA ALA B 228 10.81 13.07 1.67
C ALA B 228 10.34 14.04 2.74
N LYS B 229 10.23 13.59 4.00
CA LYS B 229 9.78 14.51 5.08
C LYS B 229 10.68 15.75 5.08
N GLU B 230 11.96 15.56 4.73
CA GLU B 230 12.91 16.65 4.72
C GLU B 230 12.96 17.47 3.43
N THR B 231 12.44 16.96 2.32
CA THR B 231 12.60 17.64 1.02
C THR B 231 11.28 18.10 0.41
N GLY B 232 10.17 17.75 1.06
CA GLY B 232 8.85 18.10 0.57
C GLY B 232 8.41 17.32 -0.65
N ALA B 233 9.19 16.33 -1.08
CA ALA B 233 8.68 15.42 -2.09
C ALA B 233 7.46 14.78 -1.50
N GLU B 234 6.39 14.76 -2.28
CA GLU B 234 5.20 13.94 -1.94
C GLU B 234 5.29 12.54 -2.53
N ILE B 235 5.62 11.56 -1.69
CA ILE B 235 5.62 10.20 -2.16
C ILE B 235 4.37 9.44 -1.76
N GLU B 236 3.87 8.60 -2.67
CA GLU B 236 2.69 7.85 -2.35
C GLU B 236 2.66 6.56 -3.07
N ILE B 237 2.10 5.54 -2.44
CA ILE B 237 1.92 4.27 -3.09
C ILE B 237 0.48 3.88 -3.03
N LEU B 238 -0.04 3.44 -4.17
CA LEU B 238 -1.44 3.06 -4.27
C LEU B 238 -1.66 2.08 -5.42
N HIS B 239 -2.90 1.89 -5.82
CA HIS B 239 -3.25 0.84 -6.74
C HIS B 239 -3.83 1.37 -8.00
N ASN B 240 -4.86 2.19 -7.91
CA ASN B 240 -5.42 2.74 -9.12
C ASN B 240 -4.41 3.60 -9.87
N PRO B 241 -4.06 3.19 -11.09
CA PRO B 241 -3.09 3.96 -11.89
C PRO B 241 -3.55 5.31 -12.35
N GLU B 242 -4.84 5.44 -12.65
CA GLU B 242 -5.34 6.76 -13.00
C GLU B 242 -4.91 7.74 -11.94
N LEU B 243 -4.96 7.33 -10.68
CA LEU B 243 -4.53 8.25 -9.64
C LEU B 243 -3.06 8.58 -9.71
N ALA B 244 -2.25 7.60 -9.99
CA ALA B 244 -0.85 7.86 -10.08
C ALA B 244 -0.56 8.82 -11.21
N VAL B 245 -1.09 8.55 -12.37
CA VAL B 245 -0.66 9.33 -13.52
C VAL B 245 -1.25 10.72 -13.58
N ASN B 246 -2.26 10.96 -12.77
CA ASN B 246 -2.91 12.24 -12.81
C ASN B 246 -1.92 13.41 -12.68
N GLU B 247 -1.99 14.35 -13.63
CA GLU B 247 -1.18 15.55 -13.61
C GLU B 247 0.31 15.26 -13.52
N ALA B 248 0.69 14.13 -14.10
CA ALA B 248 2.07 13.71 -14.06
C ALA B 248 2.83 14.42 -15.14
N ASP B 249 4.08 14.77 -14.85
CA ASP B 249 5.00 15.33 -15.84
C ASP B 249 5.77 14.19 -16.55
N PHE B 250 5.76 13.00 -15.95
CA PHE B 250 6.51 11.86 -16.46
C PHE B 250 5.85 10.54 -16.10
N ILE B 251 5.86 9.59 -17.02
CA ILE B 251 5.30 8.28 -16.74
C ILE B 251 6.36 7.26 -17.04
N TYR B 252 6.43 6.25 -16.19
CA TYR B 252 7.51 5.31 -16.20
C TYR B 252 6.90 3.95 -15.96
N THR B 253 7.18 2.98 -16.85
CA THR B 253 6.87 1.58 -16.54
C THR B 253 8.10 0.72 -16.82
N ASP B 254 7.89 -0.58 -16.68
CA ASP B 254 8.92 -1.56 -16.92
C ASP B 254 8.19 -2.93 -17.04
N VAL B 255 8.89 -3.90 -17.62
CA VAL B 255 8.40 -5.26 -17.81
C VAL B 255 7.89 -5.91 -16.53
N TRP B 256 7.12 -6.97 -16.69
CA TRP B 256 6.31 -7.54 -15.59
C TRP B 256 6.90 -8.69 -14.77
N GLY B 263 1.04 -19.83 -12.85
CA GLY B 263 2.14 -18.86 -12.85
C GLY B 263 1.82 -17.58 -13.62
N GLU B 264 2.14 -17.57 -14.90
CA GLU B 264 1.92 -16.40 -15.74
C GLU B 264 0.44 -16.20 -16.10
N GLU B 265 -0.25 -17.24 -16.55
CA GLU B 265 -1.68 -17.16 -16.88
C GLU B 265 -2.45 -16.18 -15.96
N GLU B 266 -2.42 -16.43 -14.65
CA GLU B 266 -3.18 -15.63 -13.65
C GLU B 266 -2.53 -14.25 -13.33
N LYS B 267 -1.21 -14.15 -13.40
CA LYS B 267 -0.53 -12.85 -13.19
C LYS B 267 -0.82 -11.85 -14.31
N TYR B 268 -0.75 -12.32 -15.53
CA TYR B 268 -0.92 -11.47 -16.70
C TYR B 268 -2.27 -10.79 -16.60
N THR B 269 -3.31 -11.57 -16.33
CA THR B 269 -4.68 -11.02 -16.28
C THR B 269 -4.85 -9.89 -15.24
N LEU B 270 -4.05 -9.99 -14.19
CA LEU B 270 -3.99 -8.98 -13.15
C LEU B 270 -3.32 -7.64 -13.46
N PHE B 271 -2.30 -7.67 -14.30
CA PHE B 271 -1.60 -6.45 -14.71
C PHE B 271 -2.14 -5.81 -15.96
N GLN B 272 -3.01 -6.51 -16.68
CA GLN B 272 -3.52 -5.98 -17.94
C GLN B 272 -4.01 -4.55 -17.76
N PRO B 273 -4.66 -4.27 -16.63
CA PRO B 273 -5.10 -2.89 -16.43
C PRO B 273 -4.01 -1.91 -16.15
N TYR B 274 -2.78 -2.36 -15.94
CA TYR B 274 -1.68 -1.48 -15.57
C TYR B 274 -0.82 -1.15 -16.81
N GLN B 275 -1.42 -1.33 -17.98
CA GLN B 275 -0.72 -1.02 -19.23
C GLN B 275 -0.71 0.48 -19.46
N ILE B 276 0.39 1.00 -20.00
CA ILE B 276 0.48 2.39 -20.47
C ILE B 276 -0.05 2.46 -21.90
N ASN B 277 -1.03 3.33 -22.14
CA ASN B 277 -1.66 3.43 -23.45
C ASN B 277 -2.37 4.77 -23.65
N LYS B 278 -2.78 5.04 -24.91
CA LYS B 278 -3.44 6.33 -25.31
C LYS B 278 -4.45 6.66 -24.23
N GLU B 279 -5.23 5.64 -23.86
CA GLU B 279 -6.25 5.77 -22.84
C GLU B 279 -5.78 6.23 -21.45
N LEU B 280 -4.88 5.50 -20.82
CA LEU B 280 -4.37 5.91 -19.51
C LEU B 280 -3.57 7.23 -19.54
N VAL B 281 -2.73 7.44 -20.55
CA VAL B 281 -1.88 8.62 -20.53
C VAL B 281 -2.68 9.91 -20.68
N LYS B 282 -3.92 9.83 -21.12
CA LYS B 282 -4.72 11.05 -21.22
C LYS B 282 -4.84 11.81 -19.84
N HIS B 283 -4.79 11.08 -18.73
CA HIS B 283 -4.93 11.68 -17.38
C HIS B 283 -3.74 12.47 -16.90
N ALA B 284 -2.61 12.28 -17.59
CA ALA B 284 -1.40 13.04 -17.31
C ALA B 284 -1.47 14.36 -17.99
N LYS B 285 -0.48 15.16 -17.73
CA LYS B 285 -0.36 16.41 -18.41
C LYS B 285 -0.22 16.22 -19.90
N GLN B 286 -0.73 17.19 -20.64
CA GLN B 286 -0.47 17.33 -22.08
C GLN B 286 0.98 17.03 -22.41
N THR B 287 1.87 17.52 -21.56
CA THR B 287 3.24 17.70 -21.92
C THR B 287 4.11 16.69 -21.18
N TYR B 288 3.53 15.52 -20.92
CA TYR B 288 4.26 14.48 -20.22
C TYR B 288 5.26 13.83 -21.16
N HIS B 289 6.24 13.16 -20.59
CA HIS B 289 7.11 12.33 -21.38
C HIS B 289 7.13 10.96 -20.80
N PHE B 290 7.41 9.98 -21.64
CA PHE B 290 7.38 8.61 -21.21
C PHE B 290 8.79 8.09 -21.01
N LEU B 291 8.97 7.32 -19.94
CA LEU B 291 10.26 6.68 -19.64
C LEU B 291 10.09 5.18 -19.48
N HIS B 292 11.16 4.46 -19.75
CA HIS B 292 11.20 3.02 -19.62
C HIS B 292 12.62 2.62 -19.69
N CYS B 293 13.05 1.71 -18.83
CA CYS B 293 14.48 1.41 -18.68
C CYS B 293 14.95 0.43 -19.72
N LEU B 294 13.97 -0.20 -20.35
CA LEU B 294 14.22 -1.07 -21.44
C LEU B 294 14.84 -2.36 -20.95
N PRO B 295 14.63 -3.44 -21.72
CA PRO B 295 13.87 -3.45 -22.98
C PRO B 295 12.36 -3.50 -22.76
N ALA B 296 11.61 -3.27 -23.81
CA ALA B 296 10.16 -3.26 -23.71
C ALA B 296 9.59 -4.45 -24.39
N HIS B 297 8.43 -4.89 -23.89
CA HIS B 297 7.61 -5.85 -24.60
C HIS B 297 6.43 -5.07 -25.00
N ARG B 298 6.40 -4.65 -26.26
CA ARG B 298 5.29 -3.83 -26.72
C ARG B 298 4.00 -4.63 -26.72
N GLU B 299 2.92 -3.95 -26.42
CA GLU B 299 1.60 -4.56 -26.25
C GLU B 299 1.50 -5.45 -25.00
N GLU B 300 2.49 -5.30 -24.12
CA GLU B 300 2.38 -5.68 -22.73
C GLU B 300 2.34 -4.45 -21.82
N GLU B 301 3.44 -4.10 -21.16
CA GLU B 301 3.44 -2.95 -20.26
C GLU B 301 3.10 -1.65 -20.97
N VAL B 302 3.48 -1.56 -22.23
CA VAL B 302 3.29 -0.33 -22.99
C VAL B 302 2.89 -0.69 -24.40
N THR B 303 1.95 0.07 -24.96
CA THR B 303 1.65 -0.01 -26.37
C THR B 303 2.76 0.65 -27.19
N GLY B 304 3.04 0.12 -28.37
CA GLY B 304 3.94 0.79 -29.31
C GLY B 304 3.60 2.25 -29.63
N GLU B 305 2.32 2.55 -29.75
CA GLU B 305 1.89 3.93 -29.97
C GLU B 305 2.59 4.88 -29.03
N ILE B 306 2.65 4.50 -27.76
CA ILE B 306 3.23 5.34 -26.73
C ILE B 306 4.74 5.32 -26.80
N ILE B 307 5.32 4.14 -26.74
CA ILE B 307 6.77 4.05 -26.67
C ILE B 307 7.50 4.60 -27.89
N ASP B 308 6.90 4.43 -29.07
CA ASP B 308 7.49 4.92 -30.30
C ASP B 308 6.93 6.29 -30.70
N GLY B 309 5.98 6.79 -29.91
CA GLY B 309 5.40 8.14 -30.09
C GLY B 309 6.33 9.26 -29.64
N PRO B 310 5.97 10.51 -29.97
CA PRO B 310 6.83 11.67 -29.71
C PRO B 310 6.86 12.07 -28.24
N GLN B 311 5.96 11.49 -27.47
CA GLN B 311 6.00 11.76 -26.08
C GLN B 311 7.12 10.97 -25.43
N SER B 312 7.53 9.89 -26.09
CA SER B 312 8.52 9.00 -25.54
C SER B 312 9.88 9.65 -25.58
N ILE B 313 10.70 9.35 -24.57
CA ILE B 313 12.11 9.73 -24.60
C ILE B 313 12.97 8.59 -24.07
N VAL B 314 12.54 7.36 -24.32
CA VAL B 314 13.23 6.18 -23.79
C VAL B 314 14.68 6.06 -24.27
N PHE B 315 14.94 6.61 -25.46
CA PHE B 315 16.26 6.47 -26.09
C PHE B 315 17.22 7.48 -25.52
N GLU B 316 16.78 8.72 -25.37
CA GLU B 316 17.55 9.69 -24.62
C GLU B 316 17.90 9.14 -23.24
N GLN B 317 16.90 8.54 -22.60
CA GLN B 317 17.07 7.91 -21.32
C GLN B 317 18.22 6.92 -21.39
N ALA B 318 18.09 5.92 -22.25
CA ALA B 318 19.08 4.86 -22.36
C ALA B 318 20.48 5.36 -22.74
N GLY B 319 20.59 6.47 -23.45
CA GLY B 319 21.92 7.06 -23.68
C GLY B 319 22.52 7.54 -22.39
N ASN B 320 21.71 8.23 -21.61
CA ASN B 320 22.20 8.83 -20.40
C ASN B 320 22.72 7.83 -19.39
N ARG B 321 22.46 6.54 -19.61
CA ARG B 321 23.13 5.56 -18.78
C ARG B 321 24.60 5.79 -18.81
N LEU B 322 25.12 5.97 -20.02
CA LEU B 322 26.54 6.11 -20.26
C LEU B 322 27.11 7.22 -19.44
N HIS B 323 26.48 8.38 -19.56
CA HIS B 323 27.02 9.63 -19.02
C HIS B 323 26.87 9.75 -17.56
N ALA B 324 25.73 9.32 -17.04
CA ALA B 324 25.55 9.40 -15.62
C ALA B 324 26.64 8.56 -15.00
N GLN B 325 26.76 7.35 -15.47
CA GLN B 325 27.77 6.43 -14.97
C GLN B 325 29.19 7.01 -15.04
N LYS B 326 29.55 7.55 -16.19
CA LYS B 326 30.83 8.20 -16.31
C LYS B 326 31.01 9.16 -15.16
N ALA B 327 30.04 10.04 -14.97
CA ALA B 327 30.09 11.06 -13.91
C ALA B 327 30.40 10.39 -12.59
N LEU B 328 29.58 9.41 -12.26
CA LEU B 328 29.70 8.72 -11.02
C LEU B 328 31.09 8.16 -10.88
N LEU B 329 31.51 7.39 -11.88
CA LEU B 329 32.80 6.73 -11.85
C LEU B 329 33.94 7.68 -11.53
N VAL B 330 33.94 8.81 -12.22
CA VAL B 330 35.02 9.73 -12.05
C VAL B 330 35.05 10.32 -10.64
N SER B 331 33.89 10.56 -10.06
CA SER B 331 33.87 11.09 -8.71
C SER B 331 34.34 10.06 -7.72
N LEU B 332 33.90 8.82 -7.91
CA LEU B 332 34.27 7.78 -6.98
C LEU B 332 35.76 7.55 -7.07
N PHE B 333 36.32 7.55 -8.27
CA PHE B 333 37.73 7.17 -8.44
C PHE B 333 38.70 8.26 -8.03
N LYS B 334 38.24 9.50 -7.99
CA LYS B 334 39.07 10.60 -7.56
C LYS B 334 38.92 10.86 -6.04
N ASN B 335 38.41 9.89 -5.27
CA ASN B 335 38.50 9.93 -3.80
C ASN B 335 39.82 9.27 -3.33
N VAL B 336 40.87 9.34 -4.15
CA VAL B 336 42.15 8.61 -3.91
C VAL B 336 42.95 9.14 -2.69
#